data_8I85
#
_entry.id   8I85
#
_cell.length_a   82.829
_cell.length_b   85.171
_cell.length_c   87.344
_cell.angle_alpha   90.00
_cell.angle_beta   90.00
_cell.angle_gamma   90.00
#
_symmetry.space_group_name_H-M   'P 21 21 21'
#
loop_
_entity.id
_entity.type
_entity.pdbx_description
1 polymer 'Viomycin kinase'
2 non-polymer DI(HYDROXYETHYL)ETHER
3 non-polymer "ADENOSINE-5'-TRIPHOSPHATE"
4 non-polymer 'ACETATE ION'
5 water water
#
_entity_poly.entity_id   1
_entity_poly.type   'polypeptide(L)'
_entity_poly.pdbx_seq_one_letter_code
;MGILQANRVLLSRLLPGVEPEGLTVRHGQFHQVVIASDRVVCLPRTAAAAARLPRRAAVMRVLAGLDLGCRTPRPLCEGS
AEGAVELPFLVLSRVPGAPLEADALEDSKVAEVVAAQYVTLLSGLASAGADEKVRAALPAPQGRWRQFAADVRAELFPLM
SDGGCRQAERELAALDSLPDITEAVVHGNLGAENVLWVRDDGLPRLSGVIDWDEVSIGDPAEDLAAIGAGYGKDFLDQVL
TLGGWSDRRMATRIATIRATFALQQALSACRDGDEEELADGLTGYR
;
_entity_poly.pdbx_strand_id   B,A
#
loop_
_chem_comp.id
_chem_comp.type
_chem_comp.name
_chem_comp.formula
ACT non-polymer 'ACETATE ION' 'C2 H3 O2 -1'
ATP non-polymer ADENOSINE-5'-TRIPHOSPHATE 'C10 H16 N5 O13 P3'
PEG non-polymer DI(HYDROXYETHYL)ETHER 'C4 H10 O3'
#
# COMPACT_ATOMS: atom_id res chain seq x y z
N GLY A 2 24.73 19.35 4.97
CA GLY A 2 23.94 18.45 4.10
C GLY A 2 22.48 18.34 4.56
N ILE A 3 21.65 17.72 3.73
CA ILE A 3 20.21 17.70 3.92
C ILE A 3 19.87 16.86 5.14
N LEU A 4 20.59 15.75 5.33
CA LEU A 4 20.39 14.86 6.47
C LEU A 4 20.72 15.60 7.77
N GLN A 5 21.84 16.35 7.74
CA GLN A 5 22.30 17.12 8.88
C GLN A 5 21.30 18.23 9.18
N ALA A 6 20.90 18.96 8.13
CA ALA A 6 20.01 20.11 8.25
C ALA A 6 18.67 19.71 8.87
N ASN A 7 18.17 18.51 8.56
CA ASN A 7 16.85 18.08 8.99
C ASN A 7 16.96 16.96 10.02
N ARG A 8 18.09 16.91 10.74
CA ARG A 8 18.41 15.84 11.66
C ARG A 8 17.34 15.74 12.77
N VAL A 9 16.89 16.90 13.27
CA VAL A 9 15.97 16.93 14.39
C VAL A 9 14.66 16.25 14.01
N LEU A 10 14.07 16.67 12.88
CA LEU A 10 12.80 16.15 12.41
C LEU A 10 12.91 14.66 12.08
N LEU A 11 14.03 14.26 11.47
CA LEU A 11 14.23 12.88 11.06
C LEU A 11 14.36 11.96 12.27
N SER A 12 14.91 12.47 13.38
CA SER A 12 15.00 11.69 14.60
C SER A 12 13.60 11.36 15.13
N ARG A 13 12.63 12.27 14.90
CA ARG A 13 11.25 12.04 15.33
C ARG A 13 10.54 11.08 14.38
N LEU A 14 10.74 11.27 13.07
CA LEU A 14 10.06 10.46 12.07
C LEU A 14 10.64 9.05 12.02
N LEU A 15 11.94 8.93 12.31
CA LEU A 15 12.64 7.66 12.20
C LEU A 15 13.38 7.40 13.51
N PRO A 16 12.67 7.17 14.64
CA PRO A 16 13.32 7.09 15.95
C PRO A 16 14.32 5.95 16.06
N GLY A 17 15.54 6.28 16.48
CA GLY A 17 16.60 5.30 16.68
C GLY A 17 17.46 5.11 15.44
N VAL A 18 17.09 5.76 14.33
CA VAL A 18 17.80 5.57 13.07
C VAL A 18 18.90 6.61 12.96
N GLU A 19 20.13 6.12 12.72
CA GLU A 19 21.32 6.94 12.56
C GLU A 19 21.24 7.69 11.23
N PRO A 20 21.31 9.05 11.23
CA PRO A 20 21.14 9.83 10.01
C PRO A 20 22.12 9.53 8.88
N GLU A 21 23.36 9.17 9.23
CA GLU A 21 24.41 8.92 8.26
C GLU A 21 24.15 7.64 7.48
N GLY A 22 23.40 6.70 8.08
CA GLY A 22 23.09 5.43 7.44
C GLY A 22 22.00 5.53 6.37
N LEU A 23 21.41 6.73 6.20
CA LEU A 23 20.30 6.96 5.27
C LEU A 23 20.83 7.50 3.94
N THR A 24 19.93 7.63 2.96
CA THR A 24 20.26 8.01 1.60
C THR A 24 19.32 9.14 1.17
N VAL A 25 19.63 9.82 0.05
CA VAL A 25 18.86 10.95 -0.43
C VAL A 25 18.68 10.87 -1.95
N ARG A 26 17.45 11.15 -2.42
CA ARG A 26 17.17 11.37 -3.84
C ARG A 26 16.77 12.83 -4.03
N HIS A 27 17.24 13.44 -5.13
CA HIS A 27 16.97 14.85 -5.40
C HIS A 27 15.71 14.96 -6.26
N GLY A 28 14.78 15.82 -5.83
CA GLY A 28 13.62 16.20 -6.64
C GLY A 28 13.64 17.70 -6.91
N GLN A 29 12.74 18.14 -7.80
CA GLN A 29 12.65 19.54 -8.18
C GLN A 29 12.22 20.37 -6.97
N PHE A 30 11.22 19.87 -6.23
CA PHE A 30 10.61 20.60 -5.14
C PHE A 30 11.01 20.02 -3.78
N HIS A 31 11.17 18.69 -3.74
CA HIS A 31 11.43 18.00 -2.49
C HIS A 31 12.77 17.26 -2.56
N GLN A 32 13.43 17.15 -1.40
CA GLN A 32 14.51 16.20 -1.18
C GLN A 32 13.92 14.96 -0.51
N VAL A 33 14.23 13.78 -1.06
CA VAL A 33 13.59 12.55 -0.62
C VAL A 33 14.60 11.72 0.18
N VAL A 34 14.37 11.65 1.49
CA VAL A 34 15.19 10.85 2.38
C VAL A 34 14.68 9.42 2.34
N ILE A 35 15.59 8.46 2.09
CA ILE A 35 15.21 7.08 1.92
C ILE A 35 15.68 6.26 3.12
N ALA A 36 14.71 5.74 3.88
CA ALA A 36 14.96 4.82 4.98
C ALA A 36 14.67 3.41 4.50
N SER A 37 14.71 2.43 5.41
CA SER A 37 14.64 1.03 5.04
C SER A 37 13.25 0.66 4.51
N ASP A 38 12.18 1.24 5.09
CA ASP A 38 10.83 0.80 4.77
C ASP A 38 9.94 1.95 4.31
N ARG A 39 10.48 3.16 4.28
CA ARG A 39 9.69 4.36 4.02
C ARG A 39 10.61 5.47 3.56
N VAL A 40 10.01 6.48 2.93
CA VAL A 40 10.74 7.64 2.43
C VAL A 40 10.11 8.90 3.01
N VAL A 41 10.93 9.94 3.19
CA VAL A 41 10.49 11.19 3.80
C VAL A 41 10.74 12.31 2.79
N CYS A 42 9.65 12.91 2.30
CA CYS A 42 9.72 14.06 1.41
C CYS A 42 9.89 15.33 2.25
N LEU A 43 11.00 16.03 2.01
CA LEU A 43 11.31 17.29 2.68
C LEU A 43 11.24 18.41 1.63
N PRO A 44 10.35 19.42 1.82
CA PRO A 44 10.21 20.49 0.83
C PRO A 44 11.42 21.43 0.84
N ARG A 45 11.91 21.78 -0.36
CA ARG A 45 13.08 22.63 -0.51
C ARG A 45 12.71 24.09 -0.20
N THR A 46 11.50 24.49 -0.59
CA THR A 46 11.01 25.84 -0.40
C THR A 46 9.63 25.81 0.27
N ALA A 47 9.12 26.98 0.62
CA ALA A 47 7.80 27.11 1.23
C ALA A 47 6.71 26.85 0.21
N ALA A 48 7.00 27.12 -1.06
CA ALA A 48 6.10 26.82 -2.16
C ALA A 48 6.01 25.30 -2.35
N ALA A 49 7.16 24.62 -2.23
CA ALA A 49 7.22 23.17 -2.29
C ALA A 49 6.43 22.56 -1.12
N ALA A 50 6.50 23.23 0.03
CA ALA A 50 5.80 22.77 1.23
C ALA A 50 4.28 22.88 1.02
N ALA A 51 3.86 23.95 0.32
CA ALA A 51 2.46 24.18 -0.03
C ALA A 51 1.94 23.16 -1.05
N ARG A 52 2.84 22.42 -1.72
CA ARG A 52 2.47 21.41 -2.70
C ARG A 52 2.13 20.07 -2.04
N LEU A 53 2.64 19.83 -0.82
CA LEU A 53 2.65 18.50 -0.24
C LEU A 53 1.23 18.02 0.09
N PRO A 54 0.30 18.87 0.57
CA PRO A 54 -1.08 18.44 0.78
C PRO A 54 -1.69 17.78 -0.46
N ARG A 55 -1.48 18.41 -1.64
CA ARG A 55 -1.98 17.88 -2.89
C ARG A 55 -1.29 16.55 -3.22
N ARG A 56 0.03 16.47 -2.99
CA ARG A 56 0.79 15.27 -3.26
C ARG A 56 0.24 14.09 -2.44
N ALA A 57 -0.10 14.34 -1.16
CA ALA A 57 -0.65 13.31 -0.30
C ALA A 57 -1.95 12.77 -0.88
N ALA A 58 -2.78 13.67 -1.45
CA ALA A 58 -4.02 13.27 -2.09
C ALA A 58 -3.75 12.42 -3.32
N VAL A 59 -2.80 12.86 -4.15
CA VAL A 59 -2.44 12.15 -5.37
C VAL A 59 -1.94 10.73 -5.04
N MET A 60 -1.11 10.61 -4.00
CA MET A 60 -0.50 9.31 -3.71
C MET A 60 -1.56 8.38 -3.12
N ARG A 61 -2.53 8.93 -2.38
CA ARG A 61 -3.64 8.14 -1.86
C ARG A 61 -4.49 7.63 -3.03
N VAL A 62 -4.72 8.49 -4.02
CA VAL A 62 -5.49 8.12 -5.21
C VAL A 62 -4.76 6.98 -5.94
N LEU A 63 -3.45 7.13 -6.16
CA LEU A 63 -2.68 6.12 -6.88
C LEU A 63 -2.71 4.80 -6.12
N ALA A 64 -2.72 4.87 -4.78
CA ALA A 64 -2.70 3.69 -3.92
C ALA A 64 -3.99 2.87 -4.07
N GLY A 65 -5.05 3.51 -4.58
CA GLY A 65 -6.34 2.85 -4.78
C GLY A 65 -6.54 2.29 -6.19
N LEU A 66 -5.56 2.46 -7.09
CA LEU A 66 -5.73 2.03 -8.47
C LEU A 66 -5.37 0.54 -8.61
N ASP A 67 -5.98 -0.07 -9.63
CA ASP A 67 -5.73 -1.47 -9.95
C ASP A 67 -4.61 -1.53 -10.99
N LEU A 68 -3.37 -1.56 -10.53
CA LEU A 68 -2.22 -1.51 -11.43
C LEU A 68 -1.48 -2.86 -11.45
N GLY A 69 -1.90 -3.78 -10.58
CA GLY A 69 -1.26 -5.09 -10.46
C GLY A 69 0.02 -5.06 -9.64
N CYS A 70 0.35 -3.90 -9.05
CA CYS A 70 1.60 -3.72 -8.35
C CYS A 70 1.46 -2.67 -7.27
N ARG A 71 2.56 -2.41 -6.54
CA ARG A 71 2.54 -1.44 -5.46
C ARG A 71 2.92 -0.05 -5.97
N THR A 72 2.49 0.94 -5.19
CA THR A 72 2.91 2.34 -5.31
C THR A 72 3.21 2.87 -3.91
N PRO A 73 3.96 3.99 -3.78
CA PRO A 73 4.31 4.55 -2.47
C PRO A 73 3.06 5.09 -1.79
N ARG A 74 2.72 4.49 -0.66
CA ARG A 74 1.48 4.75 0.02
C ARG A 74 1.72 5.85 1.04
N PRO A 75 0.89 6.91 1.08
CA PRO A 75 1.07 7.98 2.06
C PRO A 75 0.79 7.48 3.47
N LEU A 76 1.69 7.84 4.40
CA LEU A 76 1.60 7.38 5.77
C LEU A 76 1.13 8.52 6.69
N CYS A 77 0.62 9.60 6.09
CA CYS A 77 -0.01 10.68 6.83
C CYS A 77 -1.47 10.34 7.10
N GLU A 78 -2.11 11.13 7.98
CA GLU A 78 -3.54 11.02 8.15
C GLU A 78 -4.21 11.78 7.01
N GLY A 79 -5.47 11.40 6.72
CA GLY A 79 -6.21 11.96 5.60
C GLY A 79 -6.35 13.48 5.66
N SER A 80 -6.34 14.02 6.89
CA SER A 80 -6.58 15.44 7.10
C SER A 80 -5.39 16.28 6.64
N ALA A 81 -4.22 15.65 6.47
CA ALA A 81 -3.04 16.34 5.97
C ALA A 81 -3.29 16.97 4.59
N GLU A 82 -4.27 16.43 3.84
CA GLU A 82 -4.61 16.93 2.53
C GLU A 82 -5.29 18.31 2.60
N GLY A 83 -5.84 18.65 3.78
CA GLY A 83 -6.54 19.91 3.97
C GLY A 83 -5.62 21.02 4.50
N ALA A 84 -4.35 20.70 4.76
CA ALA A 84 -3.38 21.68 5.21
C ALA A 84 -3.03 22.65 4.09
N VAL A 85 -2.60 23.86 4.48
CA VAL A 85 -2.05 24.84 3.54
C VAL A 85 -0.67 24.36 3.09
N GLU A 86 0.05 23.68 3.98
CA GLU A 86 1.42 23.29 3.75
C GLU A 86 1.77 22.18 4.74
N LEU A 87 2.71 21.32 4.35
CA LEU A 87 3.25 20.30 5.23
C LEU A 87 4.76 20.44 5.27
N PRO A 88 5.40 20.27 6.46
CA PRO A 88 6.86 20.27 6.53
C PRO A 88 7.49 18.94 6.10
N PHE A 89 6.65 17.92 5.87
CA PHE A 89 7.13 16.65 5.35
C PHE A 89 5.95 15.82 4.85
N LEU A 90 6.28 14.80 4.04
CA LEU A 90 5.34 13.74 3.72
C LEU A 90 6.09 12.42 3.72
N VAL A 91 5.58 11.43 4.48
CA VAL A 91 6.16 10.11 4.55
C VAL A 91 5.33 9.18 3.66
N LEU A 92 6.03 8.36 2.87
CA LEU A 92 5.44 7.39 1.98
C LEU A 92 6.07 6.04 2.28
N SER A 93 5.33 4.96 2.04
CA SER A 93 5.89 3.62 2.09
C SER A 93 6.93 3.49 0.99
N ARG A 94 7.94 2.66 1.25
CA ARG A 94 8.95 2.35 0.27
C ARG A 94 8.54 1.09 -0.49
N VAL A 95 8.57 1.17 -1.82
CA VAL A 95 8.31 0.00 -2.66
C VAL A 95 9.55 -0.88 -2.66
N PRO A 96 9.45 -2.18 -2.32
CA PRO A 96 10.60 -3.08 -2.36
C PRO A 96 10.95 -3.49 -3.79
N GLY A 97 12.18 -3.97 -3.97
CA GLY A 97 12.64 -4.55 -5.22
C GLY A 97 13.75 -3.71 -5.85
N ALA A 98 14.19 -4.12 -7.05
CA ALA A 98 15.28 -3.48 -7.74
C ALA A 98 14.94 -3.33 -9.23
N PRO A 99 15.55 -2.36 -9.93
CA PRO A 99 15.37 -2.23 -11.38
C PRO A 99 15.77 -3.49 -12.13
N LEU A 100 15.20 -3.66 -13.34
CA LEU A 100 15.59 -4.74 -14.22
C LEU A 100 16.63 -4.22 -15.21
N GLU A 101 17.78 -4.91 -15.26
CA GLU A 101 18.79 -4.63 -16.28
C GLU A 101 18.29 -5.15 -17.63
N ALA A 102 18.56 -4.37 -18.68
CA ALA A 102 18.12 -4.70 -20.03
C ALA A 102 18.52 -6.13 -20.41
N ASP A 103 19.67 -6.59 -19.89
CA ASP A 103 20.19 -7.93 -20.10
C ASP A 103 19.13 -9.01 -19.99
N ALA A 104 18.28 -8.92 -18.95
CA ALA A 104 17.33 -9.98 -18.64
C ALA A 104 16.37 -10.23 -19.81
N LEU A 105 16.16 -9.22 -20.66
CA LEU A 105 15.15 -9.30 -21.71
C LEU A 105 15.63 -10.13 -22.91
N GLU A 106 16.93 -10.49 -22.95
CA GLU A 106 17.46 -11.33 -24.01
C GLU A 106 16.85 -12.72 -23.95
N ASP A 107 16.48 -13.17 -22.74
CA ASP A 107 15.67 -14.36 -22.59
C ASP A 107 14.23 -14.01 -22.99
N SER A 108 13.68 -14.75 -23.95
CA SER A 108 12.42 -14.36 -24.57
C SER A 108 11.23 -14.68 -23.65
N LYS A 109 11.41 -15.62 -22.70
CA LYS A 109 10.36 -15.92 -21.75
C LYS A 109 10.32 -14.86 -20.65
N VAL A 110 11.50 -14.37 -20.23
CA VAL A 110 11.58 -13.26 -19.31
C VAL A 110 10.92 -12.04 -19.95
N ALA A 111 11.25 -11.82 -21.23
CA ALA A 111 10.77 -10.67 -21.99
C ALA A 111 9.23 -10.67 -22.04
N GLU A 112 8.63 -11.83 -22.35
CA GLU A 112 7.18 -11.98 -22.40
C GLU A 112 6.54 -11.61 -21.07
N VAL A 113 7.04 -12.22 -19.98
CA VAL A 113 6.47 -12.04 -18.65
C VAL A 113 6.66 -10.59 -18.18
N VAL A 114 7.81 -9.99 -18.51
CA VAL A 114 8.06 -8.61 -18.12
C VAL A 114 7.09 -7.69 -18.88
N ALA A 115 6.95 -7.95 -20.18
CA ALA A 115 6.10 -7.15 -21.05
C ALA A 115 4.66 -7.20 -20.55
N ALA A 116 4.18 -8.41 -20.22
CA ALA A 116 2.82 -8.62 -19.77
C ALA A 116 2.54 -7.78 -18.52
N GLN A 117 3.51 -7.70 -17.62
CA GLN A 117 3.31 -6.98 -16.36
C GLN A 117 3.34 -5.47 -16.60
N TYR A 118 4.18 -5.01 -17.55
CA TYR A 118 4.10 -3.63 -18.01
C TYR A 118 2.70 -3.33 -18.54
N VAL A 119 2.11 -4.26 -19.30
CA VAL A 119 0.79 -4.06 -19.89
C VAL A 119 -0.27 -3.93 -18.80
N THR A 120 -0.23 -4.77 -17.75
CA THR A 120 -1.18 -4.66 -16.66
C THR A 120 -1.09 -3.26 -16.05
N LEU A 121 0.14 -2.80 -15.79
CA LEU A 121 0.38 -1.50 -15.19
C LEU A 121 -0.22 -0.40 -16.04
N LEU A 122 0.09 -0.42 -17.34
CA LEU A 122 -0.28 0.67 -18.24
C LEU A 122 -1.77 0.61 -18.56
N SER A 123 -2.35 -0.59 -18.57
CA SER A 123 -3.79 -0.73 -18.81
C SER A 123 -4.56 -0.14 -17.64
N GLY A 124 -4.08 -0.40 -16.41
CA GLY A 124 -4.67 0.17 -15.22
C GLY A 124 -4.59 1.69 -15.19
N LEU A 125 -3.43 2.23 -15.60
CA LEU A 125 -3.24 3.67 -15.63
C LEU A 125 -4.18 4.29 -16.69
N ALA A 126 -4.31 3.62 -17.84
CA ALA A 126 -5.15 4.10 -18.91
C ALA A 126 -6.61 4.18 -18.45
N SER A 127 -7.13 3.08 -17.87
CA SER A 127 -8.53 3.03 -17.51
C SER A 127 -8.83 4.00 -16.36
N ALA A 128 -7.87 4.19 -15.46
CA ALA A 128 -8.01 5.11 -14.34
C ALA A 128 -8.15 6.55 -14.84
N GLY A 129 -7.57 6.83 -16.02
CA GLY A 129 -7.56 8.18 -16.59
C GLY A 129 -8.96 8.71 -16.88
N ALA A 130 -9.91 7.79 -17.16
CA ALA A 130 -11.30 8.13 -17.43
C ALA A 130 -12.14 8.01 -16.15
N ASP A 131 -11.72 8.70 -15.08
CA ASP A 131 -12.41 8.65 -13.80
C ASP A 131 -12.26 10.00 -13.11
N GLU A 132 -13.40 10.65 -12.85
CA GLU A 132 -13.44 12.08 -12.57
C GLU A 132 -12.73 12.37 -11.25
N LYS A 133 -12.83 11.46 -10.27
CA LYS A 133 -12.14 11.62 -9.00
C LYS A 133 -10.63 11.49 -9.20
N VAL A 134 -10.22 10.68 -10.19
CA VAL A 134 -8.82 10.60 -10.55
C VAL A 134 -8.42 11.90 -11.25
N ARG A 135 -9.25 12.35 -12.19
CA ARG A 135 -8.96 13.54 -12.98
C ARG A 135 -8.93 14.79 -12.09
N ALA A 136 -9.74 14.79 -11.03
CA ALA A 136 -9.87 15.91 -10.12
C ALA A 136 -8.60 16.09 -9.26
N ALA A 137 -7.94 14.98 -8.92
CA ALA A 137 -6.81 15.04 -8.01
C ALA A 137 -5.50 15.20 -8.78
N LEU A 138 -5.46 14.77 -10.04
CA LEU A 138 -4.24 14.81 -10.85
C LEU A 138 -4.22 16.06 -11.73
N PRO A 139 -3.04 16.70 -11.93
CA PRO A 139 -2.94 17.81 -12.88
C PRO A 139 -3.13 17.36 -14.32
N ALA A 140 -3.59 18.27 -15.18
CA ALA A 140 -3.73 18.02 -16.60
C ALA A 140 -3.36 19.27 -17.38
N PRO A 141 -2.05 19.64 -17.44
CA PRO A 141 -1.62 20.81 -18.22
C PRO A 141 -1.97 20.68 -19.70
N GLN A 142 -2.29 21.83 -20.31
CA GLN A 142 -2.54 21.90 -21.75
C GLN A 142 -1.28 22.45 -22.42
N GLY A 143 -1.09 22.07 -23.68
CA GLY A 143 0.09 22.46 -24.46
C GLY A 143 1.40 22.22 -23.70
N ARG A 144 1.51 21.05 -23.07
CA ARG A 144 2.69 20.73 -22.28
C ARG A 144 3.91 20.51 -23.18
N TRP A 145 3.68 20.04 -24.41
CA TRP A 145 4.76 19.71 -25.33
C TRP A 145 5.42 20.99 -25.85
N ARG A 146 4.57 21.90 -26.34
CA ARG A 146 4.96 23.22 -26.75
C ARG A 146 5.80 23.88 -25.65
N GLN A 147 5.31 23.77 -24.40
CA GLN A 147 5.91 24.43 -23.26
C GLN A 147 7.21 23.75 -22.83
N PHE A 148 7.27 22.42 -22.98
CA PHE A 148 8.45 21.65 -22.63
C PHE A 148 9.61 22.06 -23.53
N ALA A 149 9.30 22.26 -24.81
CA ALA A 149 10.26 22.68 -25.82
C ALA A 149 10.85 24.04 -25.45
N ALA A 150 9.99 24.95 -24.95
CA ALA A 150 10.43 26.27 -24.50
C ALA A 150 11.38 26.14 -23.32
N ASP A 151 11.04 25.25 -22.38
CA ASP A 151 11.85 25.05 -21.19
C ASP A 151 13.20 24.47 -21.56
N VAL A 152 13.23 23.55 -22.53
CA VAL A 152 14.48 22.94 -22.98
C VAL A 152 15.36 24.02 -23.60
N ARG A 153 14.79 24.85 -24.47
CA ARG A 153 15.55 25.87 -25.17
C ARG A 153 16.08 26.90 -24.17
N ALA A 154 15.27 27.25 -23.17
CA ALA A 154 15.68 28.20 -22.14
C ALA A 154 16.76 27.60 -21.23
N GLU A 155 16.52 26.38 -20.72
CA GLU A 155 17.28 25.87 -19.58
C GLU A 155 18.43 24.95 -20.01
N LEU A 156 18.32 24.24 -21.14
CA LEU A 156 19.31 23.24 -21.48
C LEU A 156 20.22 23.71 -22.62
N PHE A 157 19.69 24.47 -23.59
CA PHE A 157 20.49 24.88 -24.74
C PHE A 157 21.76 25.59 -24.29
N PRO A 158 21.73 26.47 -23.27
CA PRO A 158 22.96 27.07 -22.73
C PRO A 158 24.04 26.09 -22.28
N LEU A 159 23.66 24.83 -21.99
CA LEU A 159 24.60 23.81 -21.55
C LEU A 159 25.06 22.92 -22.72
N MET A 160 24.59 23.20 -23.93
CA MET A 160 24.81 22.32 -25.07
C MET A 160 25.82 22.92 -26.04
N SER A 161 26.32 22.09 -26.96
CA SER A 161 27.09 22.53 -28.10
C SER A 161 26.13 23.01 -29.20
N ASP A 162 26.70 23.67 -30.22
CA ASP A 162 25.92 24.14 -31.36
C ASP A 162 25.28 22.95 -32.07
N GLY A 163 26.06 21.87 -32.23
CA GLY A 163 25.58 20.64 -32.82
C GLY A 163 24.44 20.04 -32.01
N GLY A 164 24.58 20.08 -30.67
CA GLY A 164 23.58 19.60 -29.75
C GLY A 164 22.25 20.33 -29.91
N CYS A 165 22.33 21.67 -29.98
CA CYS A 165 21.15 22.50 -30.15
C CYS A 165 20.45 22.18 -31.47
N ARG A 166 21.24 21.91 -32.53
CA ARG A 166 20.67 21.56 -33.82
C ARG A 166 19.96 20.21 -33.74
N GLN A 167 20.59 19.23 -33.09
CA GLN A 167 19.98 17.92 -32.84
C GLN A 167 18.67 18.09 -32.05
N ALA A 168 18.72 18.85 -30.96
CA ALA A 168 17.57 19.03 -30.09
C ALA A 168 16.46 19.78 -30.81
N GLU A 169 16.83 20.79 -31.61
CA GLU A 169 15.86 21.58 -32.36
C GLU A 169 14.98 20.70 -33.22
N ARG A 170 15.58 19.74 -33.93
CA ARG A 170 14.82 18.85 -34.80
C ARG A 170 13.84 18.05 -33.93
N GLU A 171 14.31 17.58 -32.78
CA GLU A 171 13.51 16.73 -31.90
C GLU A 171 12.35 17.53 -31.30
N LEU A 172 12.61 18.76 -30.86
CA LEU A 172 11.60 19.60 -30.23
C LEU A 172 10.54 20.05 -31.24
N ALA A 173 10.96 20.25 -32.50
CA ALA A 173 10.10 20.84 -33.52
C ALA A 173 8.94 19.90 -33.83
N ALA A 174 9.23 18.60 -33.83
CA ALA A 174 8.23 17.58 -34.08
C ALA A 174 7.10 17.65 -33.06
N LEU A 175 7.40 18.10 -31.83
CA LEU A 175 6.44 18.09 -30.73
C LEU A 175 5.19 18.90 -31.04
N ASP A 176 5.32 19.99 -31.80
CA ASP A 176 4.19 20.87 -32.06
C ASP A 176 3.15 20.17 -32.94
N SER A 177 3.51 19.04 -33.55
CA SER A 177 2.57 18.24 -34.32
C SER A 177 1.72 17.36 -33.42
N LEU A 178 2.15 17.12 -32.17
CA LEU A 178 1.50 16.16 -31.29
C LEU A 178 0.10 16.66 -30.90
N PRO A 179 -0.94 15.80 -30.98
CA PRO A 179 -2.23 16.11 -30.36
C PRO A 179 -2.07 16.23 -28.85
N ASP A 180 -2.93 17.04 -28.22
CA ASP A 180 -2.92 17.18 -26.76
C ASP A 180 -3.88 16.14 -26.19
N ILE A 181 -3.34 14.95 -25.88
CA ILE A 181 -4.12 13.83 -25.38
C ILE A 181 -4.16 13.89 -23.85
N THR A 182 -5.36 13.84 -23.27
CA THR A 182 -5.52 13.82 -21.83
C THR A 182 -6.44 12.65 -21.43
N GLU A 183 -5.96 11.43 -21.65
CA GLU A 183 -6.76 10.22 -21.54
C GLU A 183 -6.36 9.38 -20.33
N ALA A 184 -5.07 9.16 -20.13
CA ALA A 184 -4.56 8.16 -19.20
C ALA A 184 -3.95 8.84 -17.98
N VAL A 185 -3.86 8.10 -16.88
CA VAL A 185 -2.88 8.48 -15.87
C VAL A 185 -1.51 8.19 -16.49
N VAL A 186 -0.63 9.21 -16.48
CA VAL A 186 0.70 9.10 -17.05
C VAL A 186 1.74 9.36 -15.95
N HIS A 187 2.58 8.35 -15.71
CA HIS A 187 3.64 8.43 -14.72
C HIS A 187 4.55 9.61 -14.99
N GLY A 188 5.01 9.72 -16.25
CA GLY A 188 5.74 10.88 -16.71
C GLY A 188 7.25 10.71 -16.62
N ASN A 189 7.72 9.62 -16.01
CA ASN A 189 9.15 9.39 -15.88
C ASN A 189 9.39 7.89 -15.65
N LEU A 190 8.84 7.07 -16.55
CA LEU A 190 8.78 5.63 -16.34
C LEU A 190 10.01 4.95 -16.94
N GLY A 191 11.20 5.46 -16.61
CA GLY A 191 12.44 4.77 -16.88
C GLY A 191 12.66 3.57 -15.95
N ALA A 192 13.62 2.72 -16.31
CA ALA A 192 13.83 1.43 -15.69
C ALA A 192 14.13 1.54 -14.19
N GLU A 193 14.75 2.65 -13.76
CA GLU A 193 15.10 2.84 -12.36
C GLU A 193 13.85 3.06 -11.51
N ASN A 194 12.72 3.43 -12.11
CA ASN A 194 11.50 3.70 -11.34
C ASN A 194 10.55 2.50 -11.33
N VAL A 195 10.95 1.41 -11.98
CA VAL A 195 10.13 0.21 -12.06
C VAL A 195 10.89 -0.90 -11.35
N LEU A 196 10.32 -1.38 -10.24
CA LEU A 196 11.03 -2.25 -9.33
C LEU A 196 10.49 -3.67 -9.41
N TRP A 197 11.42 -4.63 -9.45
CA TRP A 197 11.10 -6.03 -9.64
C TRP A 197 11.61 -6.81 -8.43
N VAL A 198 10.96 -7.94 -8.15
CA VAL A 198 11.24 -8.72 -6.95
C VAL A 198 12.59 -9.44 -7.12
N ARG A 199 13.45 -9.28 -6.11
CA ARG A 199 14.62 -10.13 -5.92
C ARG A 199 14.16 -11.43 -5.26
N ASP A 200 13.78 -12.38 -6.10
CA ASP A 200 13.29 -13.69 -5.67
C ASP A 200 13.68 -14.67 -6.75
N ASP A 201 13.49 -15.97 -6.46
CA ASP A 201 13.61 -17.01 -7.45
C ASP A 201 12.44 -16.88 -8.44
N GLY A 202 12.62 -17.44 -9.64
CA GLY A 202 11.61 -17.42 -10.68
C GLY A 202 11.83 -16.26 -11.64
N LEU A 203 10.87 -16.05 -12.53
CA LEU A 203 10.94 -14.96 -13.49
C LEU A 203 10.69 -13.64 -12.76
N PRO A 204 11.17 -12.51 -13.31
CA PRO A 204 10.94 -11.20 -12.67
C PRO A 204 9.46 -10.93 -12.45
N ARG A 205 9.15 -10.44 -11.25
CA ARG A 205 7.79 -10.14 -10.84
C ARG A 205 7.77 -8.67 -10.44
N LEU A 206 6.84 -7.90 -11.02
CA LEU A 206 6.79 -6.47 -10.81
C LEU A 206 6.40 -6.21 -9.36
N SER A 207 7.27 -5.51 -8.63
CA SER A 207 7.04 -5.17 -7.24
C SER A 207 6.20 -3.89 -7.16
N GLY A 208 6.67 -2.85 -7.82
CA GLY A 208 5.93 -1.59 -7.86
C GLY A 208 6.67 -0.52 -8.64
N VAL A 209 6.09 0.68 -8.62
CA VAL A 209 6.60 1.83 -9.35
C VAL A 209 6.78 3.00 -8.40
N ILE A 210 7.92 3.70 -8.51
CA ILE A 210 8.27 4.80 -7.63
C ILE A 210 8.45 6.07 -8.45
N ASP A 211 8.63 7.19 -7.72
CA ASP A 211 8.95 8.50 -8.28
C ASP A 211 7.81 8.99 -9.17
N TRP A 212 6.66 9.30 -8.56
CA TRP A 212 5.48 9.77 -9.26
C TRP A 212 5.42 11.29 -9.30
N ASP A 213 6.57 11.98 -9.21
CA ASP A 213 6.62 13.43 -9.12
C ASP A 213 5.92 14.10 -10.30
N GLU A 214 6.04 13.51 -11.50
CA GLU A 214 5.57 14.17 -12.71
C GLU A 214 4.23 13.58 -13.19
N VAL A 215 3.53 12.85 -12.31
CA VAL A 215 2.31 12.16 -12.69
C VAL A 215 1.27 13.19 -13.15
N SER A 216 0.46 12.81 -14.15
CA SER A 216 -0.59 13.68 -14.65
C SER A 216 -1.64 12.84 -15.37
N ILE A 217 -2.74 13.50 -15.77
CA ILE A 217 -3.59 13.01 -16.84
C ILE A 217 -2.96 13.48 -18.16
N GLY A 218 -2.71 12.54 -19.07
CA GLY A 218 -2.01 12.90 -20.30
C GLY A 218 -2.09 11.82 -21.36
N ASP A 219 -1.02 11.71 -22.15
CA ASP A 219 -0.94 10.80 -23.28
C ASP A 219 -0.20 9.54 -22.85
N PRO A 220 -0.78 8.32 -22.95
CA PRO A 220 -0.05 7.10 -22.64
C PRO A 220 1.23 6.88 -23.44
N ALA A 221 1.36 7.56 -24.59
CA ALA A 221 2.56 7.43 -25.41
C ALA A 221 3.81 7.91 -24.66
N GLU A 222 3.63 8.80 -23.68
CA GLU A 222 4.74 9.32 -22.89
C GLU A 222 5.42 8.20 -22.11
N ASP A 223 4.63 7.31 -21.50
CA ASP A 223 5.16 6.23 -20.70
C ASP A 223 5.73 5.15 -21.61
N LEU A 224 5.05 4.90 -22.73
CA LEU A 224 5.55 3.92 -23.69
C LEU A 224 6.86 4.39 -24.31
N ALA A 225 7.00 5.71 -24.50
CA ALA A 225 8.25 6.29 -24.98
C ALA A 225 9.39 6.01 -24.01
N ALA A 226 9.13 6.17 -22.70
CA ALA A 226 10.15 5.91 -21.69
C ALA A 226 10.64 4.47 -21.82
N ILE A 227 9.70 3.53 -21.99
CA ILE A 227 10.05 2.12 -22.11
C ILE A 227 10.89 1.89 -23.36
N GLY A 228 10.49 2.49 -24.49
CA GLY A 228 11.24 2.36 -25.72
C GLY A 228 12.67 2.88 -25.61
N ALA A 229 12.82 4.04 -24.94
CA ALA A 229 14.11 4.68 -24.72
C ALA A 229 15.03 3.75 -23.92
N GLY A 230 14.47 3.14 -22.87
CA GLY A 230 15.24 2.26 -22.01
C GLY A 230 15.58 0.92 -22.66
N TYR A 231 14.60 0.31 -23.36
CA TYR A 231 14.70 -1.10 -23.69
C TYR A 231 14.71 -1.37 -25.21
N GLY A 232 14.39 -0.37 -26.04
CA GLY A 232 14.54 -0.52 -27.48
C GLY A 232 13.27 -1.03 -28.15
N LYS A 233 13.33 -1.09 -29.49
CA LYS A 233 12.17 -1.18 -30.35
C LYS A 233 11.42 -2.49 -30.13
N ASP A 234 12.16 -3.60 -30.02
CA ASP A 234 11.56 -4.93 -30.04
C ASP A 234 10.75 -5.15 -28.77
N PHE A 235 11.32 -4.82 -27.61
CA PHE A 235 10.60 -4.95 -26.36
C PHE A 235 9.39 -4.04 -26.35
N LEU A 236 9.55 -2.80 -26.83
CA LEU A 236 8.43 -1.87 -26.92
C LEU A 236 7.31 -2.48 -27.75
N ASP A 237 7.66 -2.98 -28.94
CA ASP A 237 6.69 -3.57 -29.86
C ASP A 237 5.95 -4.73 -29.21
N GLN A 238 6.65 -5.49 -28.36
CA GLN A 238 6.04 -6.57 -27.62
C GLN A 238 5.00 -6.02 -26.63
N VAL A 239 5.36 -4.95 -25.91
CA VAL A 239 4.41 -4.33 -24.99
C VAL A 239 3.20 -3.82 -25.78
N LEU A 240 3.42 -3.16 -26.91
CA LEU A 240 2.32 -2.58 -27.68
C LEU A 240 1.39 -3.68 -28.18
N THR A 241 1.96 -4.80 -28.66
CA THR A 241 1.17 -5.90 -29.19
C THR A 241 0.32 -6.52 -28.08
N LEU A 242 0.97 -6.90 -26.97
CA LEU A 242 0.29 -7.51 -25.84
C LEU A 242 -0.79 -6.58 -25.27
N GLY A 243 -0.57 -5.25 -25.35
CA GLY A 243 -1.49 -4.30 -24.74
C GLY A 243 -2.56 -3.79 -25.70
N GLY A 244 -2.44 -4.11 -26.99
CA GLY A 244 -3.39 -3.64 -28.00
C GLY A 244 -3.14 -2.19 -28.41
N TRP A 245 -1.87 -1.77 -28.47
CA TRP A 245 -1.56 -0.36 -28.68
C TRP A 245 -0.60 -0.17 -29.87
N SER A 246 -0.65 -1.06 -30.87
CA SER A 246 0.38 -1.08 -31.91
C SER A 246 -0.07 -0.36 -33.19
N ASP A 247 -1.16 0.41 -33.14
CA ASP A 247 -1.62 1.18 -34.28
C ASP A 247 -0.61 2.28 -34.61
N ARG A 248 -0.62 2.75 -35.87
CA ARG A 248 0.42 3.64 -36.36
C ARG A 248 0.29 5.03 -35.72
N ARG A 249 -0.91 5.47 -35.37
CA ARG A 249 -1.05 6.75 -34.68
C ARG A 249 -0.26 6.73 -33.38
N MET A 250 -0.47 5.69 -32.56
CA MET A 250 0.19 5.54 -31.29
C MET A 250 1.70 5.39 -31.49
N ALA A 251 2.09 4.48 -32.39
CA ALA A 251 3.49 4.23 -32.70
C ALA A 251 4.24 5.51 -33.08
N THR A 252 3.54 6.41 -33.79
CA THR A 252 4.14 7.64 -34.27
C THR A 252 4.31 8.62 -33.12
N ARG A 253 3.30 8.75 -32.26
CA ARG A 253 3.41 9.62 -31.11
C ARG A 253 4.55 9.15 -30.20
N ILE A 254 4.66 7.83 -30.00
CA ILE A 254 5.72 7.28 -29.18
C ILE A 254 7.07 7.67 -29.78
N ALA A 255 7.21 7.50 -31.10
CA ALA A 255 8.47 7.79 -31.78
C ALA A 255 8.88 9.23 -31.51
N THR A 256 7.94 10.16 -31.71
CA THR A 256 8.18 11.58 -31.56
C THR A 256 8.62 11.90 -30.12
N ILE A 257 7.90 11.34 -29.14
CA ILE A 257 8.16 11.62 -27.73
C ILE A 257 9.47 10.96 -27.31
N ARG A 258 9.71 9.75 -27.82
CA ARG A 258 10.88 8.98 -27.45
C ARG A 258 12.16 9.73 -27.80
N ALA A 259 12.16 10.47 -28.92
CA ALA A 259 13.32 11.24 -29.36
C ALA A 259 13.63 12.42 -28.43
N THR A 260 12.70 12.76 -27.54
CA THR A 260 12.88 13.84 -26.58
C THR A 260 13.14 13.32 -25.17
N PHE A 261 13.15 12.00 -24.97
CA PHE A 261 13.11 11.46 -23.61
C PHE A 261 14.40 11.75 -22.86
N ALA A 262 15.55 11.72 -23.54
CA ALA A 262 16.81 12.03 -22.87
C ALA A 262 16.81 13.51 -22.45
N LEU A 263 16.19 14.35 -23.29
CA LEU A 263 16.04 15.77 -22.97
C LEU A 263 15.12 15.97 -21.77
N GLN A 264 14.10 15.10 -21.60
CA GLN A 264 13.22 15.18 -20.44
C GLN A 264 14.01 14.84 -19.17
N GLN A 265 14.93 13.87 -19.30
CA GLN A 265 15.78 13.47 -18.19
C GLN A 265 16.73 14.62 -17.84
N ALA A 266 17.32 15.24 -18.85
CA ALA A 266 18.27 16.33 -18.63
C ALA A 266 17.56 17.53 -17.99
N LEU A 267 16.34 17.85 -18.43
CA LEU A 267 15.59 18.96 -17.89
C LEU A 267 15.30 18.72 -16.40
N SER A 268 14.96 17.47 -16.04
CA SER A 268 14.71 17.09 -14.66
C SER A 268 15.98 17.23 -13.81
N ALA A 269 17.10 16.70 -14.32
CA ALA A 269 18.36 16.70 -13.60
C ALA A 269 18.84 18.13 -13.35
N CYS A 270 18.65 18.98 -14.36
CA CYS A 270 18.95 20.40 -14.28
C CYS A 270 18.21 21.03 -13.10
N ARG A 271 16.89 20.80 -13.01
CA ARG A 271 16.04 21.50 -12.06
C ARG A 271 16.20 20.97 -10.63
N ASP A 272 16.66 19.73 -10.48
CA ASP A 272 16.85 19.17 -9.15
C ASP A 272 18.35 19.11 -8.80
N GLY A 273 19.20 19.60 -9.71
CA GLY A 273 20.61 19.78 -9.42
C GLY A 273 21.40 18.46 -9.36
N ASP A 274 20.84 17.40 -9.96
CA ASP A 274 21.52 16.11 -10.02
C ASP A 274 22.50 16.14 -11.18
N GLU A 275 23.80 16.24 -10.85
CA GLU A 275 24.85 16.55 -11.81
C GLU A 275 25.04 15.39 -12.79
N GLU A 276 25.13 14.18 -12.26
CA GLU A 276 25.48 13.01 -13.07
C GLU A 276 24.36 12.70 -14.05
N GLU A 277 23.10 12.85 -13.60
CA GLU A 277 21.96 12.57 -14.44
C GLU A 277 21.80 13.66 -15.50
N LEU A 278 22.33 14.86 -15.21
CA LEU A 278 22.35 15.93 -16.20
C LEU A 278 23.38 15.60 -17.27
N ALA A 279 24.55 15.11 -16.84
CA ALA A 279 25.60 14.70 -17.77
C ALA A 279 25.10 13.55 -18.64
N ASP A 280 24.50 12.53 -18.02
CA ASP A 280 23.93 11.40 -18.74
C ASP A 280 22.92 11.92 -19.78
N GLY A 281 21.99 12.75 -19.32
CA GLY A 281 20.94 13.30 -20.16
C GLY A 281 21.47 14.09 -21.36
N LEU A 282 22.57 14.81 -21.17
CA LEU A 282 23.13 15.66 -22.21
C LEU A 282 24.16 14.91 -23.05
N THR A 283 24.29 13.59 -22.85
CA THR A 283 25.17 12.77 -23.68
C THR A 283 24.81 12.97 -25.16
N GLY A 284 25.78 13.43 -25.94
CA GLY A 284 25.59 13.60 -27.37
C GLY A 284 24.98 14.94 -27.75
N TYR A 285 24.69 15.79 -26.75
CA TYR A 285 24.20 17.15 -26.97
C TYR A 285 25.27 18.18 -26.61
N ARG A 286 26.47 17.71 -26.21
CA ARG A 286 27.57 18.59 -25.86
C ARG A 286 28.90 17.83 -25.95
N MET B 1 -2.35 -35.62 -2.54
CA MET B 1 -1.89 -34.57 -3.50
C MET B 1 -1.06 -33.54 -2.74
N GLY B 2 -1.71 -32.66 -1.97
CA GLY B 2 -1.04 -31.52 -1.35
C GLY B 2 -1.47 -30.21 -2.03
N ILE B 3 -1.67 -29.14 -1.23
CA ILE B 3 -2.34 -27.94 -1.69
C ILE B 3 -1.50 -27.25 -2.77
N LEU B 4 -0.18 -27.27 -2.60
CA LEU B 4 0.74 -26.65 -3.55
C LEU B 4 0.72 -27.39 -4.89
N GLN B 5 0.76 -28.73 -4.86
CA GLN B 5 0.66 -29.54 -6.07
C GLN B 5 -0.72 -29.34 -6.69
N ALA B 6 -1.77 -29.34 -5.85
CA ALA B 6 -3.14 -29.24 -6.33
C ALA B 6 -3.36 -27.96 -7.12
N ASN B 7 -2.69 -26.86 -6.72
CA ASN B 7 -2.98 -25.54 -7.25
C ASN B 7 -1.87 -25.07 -8.20
N ARG B 8 -1.21 -26.05 -8.82
CA ARG B 8 0.07 -25.84 -9.48
C ARG B 8 -0.10 -25.06 -10.78
N VAL B 9 -1.22 -25.29 -11.49
CA VAL B 9 -1.52 -24.56 -12.72
C VAL B 9 -1.56 -23.06 -12.38
N LEU B 10 -2.39 -22.70 -11.41
CA LEU B 10 -2.60 -21.30 -11.03
C LEU B 10 -1.30 -20.69 -10.51
N LEU B 11 -0.55 -21.45 -9.70
CA LEU B 11 0.68 -20.92 -9.11
C LEU B 11 1.71 -20.66 -10.20
N SER B 12 1.74 -21.50 -11.24
CA SER B 12 2.68 -21.33 -12.35
C SER B 12 2.37 -20.06 -13.14
N ARG B 13 1.08 -19.68 -13.20
CA ARG B 13 0.66 -18.44 -13.82
C ARG B 13 0.98 -17.24 -12.92
N LEU B 14 0.66 -17.34 -11.63
CA LEU B 14 0.76 -16.20 -10.71
C LEU B 14 2.20 -15.96 -10.28
N LEU B 15 2.99 -17.04 -10.19
CA LEU B 15 4.37 -16.98 -9.74
C LEU B 15 5.26 -17.73 -10.73
N PRO B 16 5.43 -17.21 -11.98
CA PRO B 16 6.15 -17.95 -13.01
C PRO B 16 7.58 -18.25 -12.58
N GLY B 17 7.98 -19.52 -12.76
CA GLY B 17 9.34 -19.96 -12.48
C GLY B 17 9.57 -20.22 -10.99
N VAL B 18 8.55 -19.99 -10.14
CA VAL B 18 8.74 -20.21 -8.70
C VAL B 18 8.38 -21.66 -8.39
N GLU B 19 9.33 -22.38 -7.79
CA GLU B 19 9.13 -23.77 -7.40
C GLU B 19 8.02 -23.87 -6.36
N PRO B 20 6.86 -24.46 -6.67
CA PRO B 20 5.76 -24.55 -5.70
C PRO B 20 6.12 -25.15 -4.34
N GLU B 21 7.01 -26.15 -4.36
CA GLU B 21 7.37 -26.90 -3.15
C GLU B 21 8.29 -26.07 -2.25
N GLY B 22 8.79 -24.94 -2.75
CA GLY B 22 9.53 -23.99 -1.94
C GLY B 22 8.62 -23.03 -1.16
N LEU B 23 7.30 -23.08 -1.42
CA LEU B 23 6.37 -22.15 -0.80
C LEU B 23 5.89 -22.71 0.53
N THR B 24 5.15 -21.89 1.27
CA THR B 24 4.45 -22.32 2.47
C THR B 24 2.98 -21.92 2.37
N VAL B 25 2.14 -22.66 3.09
CA VAL B 25 0.72 -22.38 3.15
C VAL B 25 0.35 -22.18 4.61
N ARG B 26 -0.50 -21.17 4.86
CA ARG B 26 -1.16 -20.98 6.15
C ARG B 26 -2.64 -20.85 5.87
N HIS B 27 -3.43 -20.67 6.94
CA HIS B 27 -4.87 -20.64 6.85
C HIS B 27 -5.46 -19.87 8.02
N GLY B 28 -6.65 -19.29 7.81
CA GLY B 28 -7.57 -18.98 8.89
C GLY B 28 -8.86 -19.78 8.70
N GLN B 29 -9.99 -19.14 9.06
CA GLN B 29 -11.29 -19.79 8.98
C GLN B 29 -11.67 -20.03 7.52
N PHE B 30 -11.47 -19.02 6.66
CA PHE B 30 -12.10 -18.99 5.36
C PHE B 30 -11.13 -19.27 4.22
N HIS B 31 -9.83 -19.01 4.40
CA HIS B 31 -8.90 -18.98 3.28
C HIS B 31 -7.66 -19.83 3.52
N GLN B 32 -7.25 -20.57 2.48
CA GLN B 32 -5.90 -21.09 2.36
C GLN B 32 -5.03 -20.03 1.71
N VAL B 33 -3.90 -19.69 2.34
CA VAL B 33 -3.08 -18.57 1.91
C VAL B 33 -1.69 -19.09 1.56
N VAL B 34 -1.38 -19.10 0.25
CA VAL B 34 -0.06 -19.46 -0.24
C VAL B 34 0.85 -18.25 -0.09
N ILE B 35 1.96 -18.45 0.64
CA ILE B 35 2.89 -17.39 0.98
C ILE B 35 4.06 -17.45 -0.01
N ALA B 36 4.24 -16.37 -0.77
CA ALA B 36 5.40 -16.17 -1.61
C ALA B 36 6.26 -15.07 -1.00
N SER B 37 7.33 -14.66 -1.70
CA SER B 37 8.33 -13.78 -1.12
C SER B 37 7.76 -12.38 -0.88
N ASP B 38 6.91 -11.88 -1.79
CA ASP B 38 6.41 -10.52 -1.69
C ASP B 38 4.89 -10.45 -1.80
N ARG B 39 4.22 -11.61 -1.82
CA ARG B 39 2.78 -11.63 -2.03
C ARG B 39 2.22 -12.97 -1.55
N VAL B 40 0.89 -12.99 -1.36
CA VAL B 40 0.19 -14.17 -0.94
C VAL B 40 -0.95 -14.41 -1.92
N VAL B 41 -1.36 -15.68 -2.04
CA VAL B 41 -2.46 -16.07 -2.90
C VAL B 41 -3.55 -16.66 -2.01
N CYS B 42 -4.68 -15.94 -1.90
CA CYS B 42 -5.79 -16.36 -1.07
C CYS B 42 -6.75 -17.21 -1.88
N LEU B 43 -6.98 -18.43 -1.38
CA LEU B 43 -7.87 -19.39 -2.01
C LEU B 43 -8.98 -19.73 -1.01
N PRO B 44 -10.24 -19.88 -1.45
CA PRO B 44 -11.34 -20.18 -0.53
C PRO B 44 -11.24 -21.60 0.01
N ARG B 45 -11.55 -21.77 1.31
CA ARG B 45 -11.55 -23.07 1.95
C ARG B 45 -12.89 -23.78 1.69
N THR B 46 -13.96 -22.99 1.52
CA THR B 46 -15.31 -23.51 1.37
C THR B 46 -15.98 -22.89 0.15
N ALA B 47 -17.16 -23.42 -0.21
CA ALA B 47 -17.94 -22.92 -1.33
C ALA B 47 -18.52 -21.56 -1.00
N ALA B 48 -18.77 -21.31 0.29
CA ALA B 48 -19.25 -20.01 0.76
C ALA B 48 -18.18 -18.94 0.54
N ALA B 49 -16.94 -19.27 0.93
CA ALA B 49 -15.81 -18.35 0.81
C ALA B 49 -15.50 -18.08 -0.65
N ALA B 50 -15.72 -19.08 -1.51
CA ALA B 50 -15.53 -18.92 -2.94
C ALA B 50 -16.48 -17.85 -3.48
N ALA B 51 -17.74 -17.89 -3.04
CA ALA B 51 -18.77 -16.98 -3.51
C ALA B 51 -18.54 -15.57 -2.98
N ARG B 52 -17.90 -15.45 -1.81
CA ARG B 52 -17.72 -14.16 -1.16
C ARG B 52 -16.41 -13.48 -1.59
N LEU B 53 -15.55 -14.17 -2.34
CA LEU B 53 -14.18 -13.68 -2.54
C LEU B 53 -14.19 -12.37 -3.34
N PRO B 54 -15.00 -12.24 -4.42
CA PRO B 54 -15.19 -10.95 -5.08
C PRO B 54 -15.50 -9.81 -4.12
N ARG B 55 -16.40 -10.08 -3.16
CA ARG B 55 -16.81 -9.10 -2.17
C ARG B 55 -15.61 -8.71 -1.29
N ARG B 56 -14.83 -9.72 -0.87
CA ARG B 56 -13.67 -9.50 -0.03
C ARG B 56 -12.65 -8.63 -0.76
N ALA B 57 -12.47 -8.90 -2.07
CA ALA B 57 -11.54 -8.14 -2.88
C ALA B 57 -11.95 -6.67 -2.93
N ALA B 58 -13.25 -6.41 -3.02
CA ALA B 58 -13.78 -5.05 -3.03
C ALA B 58 -13.43 -4.32 -1.73
N VAL B 59 -13.59 -5.01 -0.60
CA VAL B 59 -13.29 -4.45 0.72
C VAL B 59 -11.79 -4.16 0.82
N MET B 60 -10.95 -5.06 0.29
CA MET B 60 -9.50 -4.90 0.44
C MET B 60 -9.03 -3.68 -0.35
N ARG B 61 -9.69 -3.42 -1.50
CA ARG B 61 -9.35 -2.28 -2.34
C ARG B 61 -9.67 -0.97 -1.61
N VAL B 62 -10.82 -0.92 -0.92
CA VAL B 62 -11.19 0.20 -0.10
C VAL B 62 -10.15 0.43 1.00
N LEU B 63 -9.78 -0.63 1.70
CA LEU B 63 -8.81 -0.55 2.79
C LEU B 63 -7.46 -0.05 2.27
N ALA B 64 -7.16 -0.37 1.00
CA ALA B 64 -5.89 0.01 0.40
C ALA B 64 -5.83 1.51 0.08
N GLY B 65 -7.00 2.17 0.02
CA GLY B 65 -7.06 3.60 -0.21
C GLY B 65 -7.18 4.43 1.08
N LEU B 66 -7.17 3.78 2.25
CA LEU B 66 -7.32 4.49 3.51
C LEU B 66 -5.97 5.00 3.98
N ASP B 67 -5.99 6.10 4.74
CA ASP B 67 -4.80 6.66 5.37
C ASP B 67 -4.74 6.19 6.82
N LEU B 68 -4.07 5.04 7.04
CA LEU B 68 -4.01 4.40 8.35
C LEU B 68 -2.63 4.58 8.99
N GLY B 69 -1.71 5.23 8.26
CA GLY B 69 -0.35 5.41 8.74
C GLY B 69 0.52 4.17 8.55
N CYS B 70 0.01 3.17 7.82
CA CYS B 70 0.75 1.93 7.60
C CYS B 70 0.21 1.20 6.36
N ARG B 71 0.82 0.04 6.05
CA ARG B 71 0.40 -0.77 4.91
C ARG B 71 -0.76 -1.70 5.30
N THR B 72 -1.56 -2.04 4.29
CA THR B 72 -2.51 -3.14 4.32
C THR B 72 -2.26 -4.00 3.09
N PRO B 73 -2.76 -5.26 3.04
CA PRO B 73 -2.56 -6.10 1.86
C PRO B 73 -3.27 -5.52 0.64
N ARG B 74 -2.49 -5.13 -0.36
CA ARG B 74 -3.03 -4.53 -1.57
C ARG B 74 -3.40 -5.61 -2.58
N PRO B 75 -4.66 -5.63 -3.08
CA PRO B 75 -5.05 -6.54 -4.16
C PRO B 75 -4.24 -6.30 -5.43
N LEU B 76 -3.56 -7.34 -5.90
CA LEU B 76 -2.69 -7.25 -7.05
C LEU B 76 -3.35 -7.90 -8.25
N CYS B 77 -4.22 -8.89 -8.02
CA CYS B 77 -4.79 -9.72 -9.08
C CYS B 77 -5.94 -10.54 -8.49
N GLU B 78 -7.06 -10.63 -9.23
CA GLU B 78 -8.18 -11.47 -8.83
C GLU B 78 -8.68 -12.25 -10.04
N GLY B 79 -9.15 -13.49 -9.81
CA GLY B 79 -9.64 -14.32 -10.90
C GLY B 79 -10.56 -15.45 -10.43
N SER B 80 -10.99 -16.27 -11.40
CA SER B 80 -11.85 -17.42 -11.15
C SER B 80 -11.21 -18.69 -11.73
N LEU B 87 -11.52 -22.61 -8.83
CA LEU B 87 -11.24 -21.80 -7.61
C LEU B 87 -11.13 -20.33 -7.99
N PRO B 88 -11.95 -19.43 -7.42
CA PRO B 88 -11.61 -18.01 -7.40
C PRO B 88 -10.34 -17.83 -6.56
N PHE B 89 -9.60 -16.77 -6.83
CA PHE B 89 -8.36 -16.48 -6.13
C PHE B 89 -8.19 -14.97 -6.00
N LEU B 90 -7.47 -14.55 -4.94
CA LEU B 90 -7.11 -13.17 -4.71
C LEU B 90 -5.64 -13.10 -4.33
N VAL B 91 -4.86 -12.33 -5.11
CA VAL B 91 -3.46 -12.10 -4.84
C VAL B 91 -3.33 -10.76 -4.12
N LEU B 92 -2.69 -10.78 -2.93
CA LEU B 92 -2.50 -9.58 -2.13
C LEU B 92 -1.00 -9.38 -1.89
N SER B 93 -0.59 -8.10 -1.75
CA SER B 93 0.76 -7.80 -1.32
C SER B 93 1.00 -8.41 0.06
N ARG B 94 2.24 -8.86 0.27
CA ARG B 94 2.66 -9.38 1.56
C ARG B 94 3.17 -8.22 2.41
N VAL B 95 2.55 -8.02 3.57
CA VAL B 95 3.01 -6.99 4.49
C VAL B 95 4.28 -7.51 5.17
N PRO B 96 5.43 -6.81 5.04
CA PRO B 96 6.67 -7.26 5.67
C PRO B 96 6.67 -7.04 7.17
N GLY B 97 7.56 -7.76 7.87
CA GLY B 97 7.77 -7.57 9.29
C GLY B 97 7.19 -8.73 10.09
N ALA B 98 7.31 -8.63 11.42
CA ALA B 98 6.84 -9.67 12.32
C ALA B 98 6.07 -9.04 13.49
N PRO B 99 5.27 -9.84 14.24
CA PRO B 99 4.62 -9.34 15.44
C PRO B 99 5.65 -8.82 16.44
N LEU B 100 5.21 -7.91 17.31
CA LEU B 100 6.03 -7.44 18.42
C LEU B 100 5.68 -8.30 19.63
N GLU B 101 6.70 -8.88 20.27
CA GLU B 101 6.48 -9.62 21.50
C GLU B 101 6.32 -8.64 22.65
N ALA B 102 5.45 -8.98 23.61
CA ALA B 102 5.13 -8.13 24.74
C ALA B 102 6.40 -7.68 25.46
N ASP B 103 7.42 -8.54 25.49
CA ASP B 103 8.69 -8.30 26.16
C ASP B 103 9.26 -6.92 25.80
N ALA B 104 9.18 -6.56 24.51
CA ALA B 104 9.80 -5.35 24.01
C ALA B 104 9.21 -4.10 24.66
N LEU B 105 7.97 -4.19 25.13
CA LEU B 105 7.27 -3.05 25.71
C LEU B 105 7.81 -2.70 27.10
N GLU B 106 8.62 -3.58 27.70
CA GLU B 106 9.23 -3.32 29.00
C GLU B 106 10.15 -2.10 28.94
N ASP B 107 10.71 -1.83 27.75
CA ASP B 107 11.43 -0.59 27.51
C ASP B 107 10.40 0.50 27.22
N SER B 108 10.45 1.60 27.99
CA SER B 108 9.38 2.58 28.02
C SER B 108 9.43 3.49 26.78
N LYS B 109 10.62 3.60 26.17
CA LYS B 109 10.79 4.37 24.94
C LYS B 109 10.21 3.61 23.76
N VAL B 110 10.40 2.29 23.74
CA VAL B 110 9.78 1.42 22.75
C VAL B 110 8.27 1.47 22.91
N ALA B 111 7.80 1.48 24.17
CA ALA B 111 6.38 1.42 24.49
C ALA B 111 5.65 2.68 24.04
N GLU B 112 6.29 3.85 24.21
CA GLU B 112 5.70 5.13 23.83
C GLU B 112 5.56 5.20 22.31
N VAL B 113 6.61 4.78 21.61
CA VAL B 113 6.68 4.83 20.16
C VAL B 113 5.67 3.83 19.57
N VAL B 114 5.51 2.67 20.20
CA VAL B 114 4.59 1.65 19.72
C VAL B 114 3.15 2.10 19.97
N ALA B 115 2.91 2.67 21.16
CA ALA B 115 1.59 3.19 21.50
C ALA B 115 1.18 4.27 20.50
N ALA B 116 2.11 5.17 20.16
CA ALA B 116 1.82 6.28 19.27
C ALA B 116 1.38 5.76 17.90
N GLN B 117 2.04 4.71 17.45
CA GLN B 117 1.76 4.16 16.13
C GLN B 117 0.42 3.43 16.12
N TYR B 118 0.04 2.80 17.25
CA TYR B 118 -1.31 2.26 17.39
C TYR B 118 -2.35 3.38 17.33
N VAL B 119 -2.05 4.51 17.97
CA VAL B 119 -2.96 5.64 17.99
C VAL B 119 -3.22 6.12 16.56
N THR B 120 -2.15 6.27 15.76
CA THR B 120 -2.32 6.68 14.37
C THR B 120 -3.24 5.71 13.64
N LEU B 121 -2.96 4.41 13.78
CA LEU B 121 -3.74 3.37 13.13
C LEU B 121 -5.21 3.48 13.53
N LEU B 122 -5.47 3.59 14.84
CA LEU B 122 -6.83 3.59 15.35
C LEU B 122 -7.55 4.88 14.94
N SER B 123 -6.83 6.01 14.92
CA SER B 123 -7.39 7.28 14.48
C SER B 123 -7.80 7.19 13.02
N GLY B 124 -6.92 6.58 12.21
CA GLY B 124 -7.17 6.40 10.79
C GLY B 124 -8.42 5.54 10.55
N LEU B 125 -8.55 4.46 11.33
CA LEU B 125 -9.73 3.62 11.27
C LEU B 125 -10.98 4.41 11.66
N ALA B 126 -10.89 5.22 12.73
CA ALA B 126 -12.05 5.98 13.21
C ALA B 126 -12.48 7.03 12.18
N SER B 127 -11.52 7.77 11.62
CA SER B 127 -11.79 8.79 10.62
C SER B 127 -12.48 8.18 9.40
N ALA B 128 -12.00 7.00 8.98
CA ALA B 128 -12.49 6.34 7.79
C ALA B 128 -13.96 5.92 7.97
N GLY B 129 -14.33 5.63 9.23
CA GLY B 129 -15.68 5.20 9.56
C GLY B 129 -16.73 6.28 9.32
N ALA B 130 -16.31 7.55 9.24
CA ALA B 130 -17.22 8.66 8.98
C ALA B 130 -17.25 8.99 7.48
N ASP B 131 -16.76 8.07 6.64
CA ASP B 131 -16.75 8.26 5.20
C ASP B 131 -17.80 7.33 4.59
N GLU B 132 -18.83 7.91 3.95
CA GLU B 132 -19.99 7.16 3.54
C GLU B 132 -19.66 6.17 2.42
N LYS B 133 -18.61 6.45 1.63
CA LYS B 133 -18.14 5.51 0.62
C LYS B 133 -17.53 4.29 1.31
N VAL B 134 -16.85 4.51 2.44
CA VAL B 134 -16.33 3.41 3.25
C VAL B 134 -17.50 2.68 3.91
N ARG B 135 -18.41 3.45 4.53
CA ARG B 135 -19.54 2.88 5.27
C ARG B 135 -20.38 2.00 4.35
N ALA B 136 -20.50 2.39 3.08
CA ALA B 136 -21.30 1.64 2.12
C ALA B 136 -20.61 0.34 1.71
N ALA B 137 -19.27 0.33 1.67
CA ALA B 137 -18.53 -0.79 1.14
C ALA B 137 -18.37 -1.90 2.20
N LEU B 138 -18.44 -1.53 3.49
CA LEU B 138 -18.12 -2.45 4.55
C LEU B 138 -19.39 -2.92 5.26
N PRO B 139 -19.38 -4.14 5.84
CA PRO B 139 -20.52 -4.62 6.62
C PRO B 139 -20.72 -3.80 7.89
N ALA B 140 -21.98 -3.78 8.37
CA ALA B 140 -22.35 -3.13 9.60
C ALA B 140 -23.54 -3.86 10.20
N PRO B 141 -23.34 -5.01 10.88
CA PRO B 141 -24.45 -5.78 11.45
C PRO B 141 -25.09 -5.08 12.65
N GLN B 142 -26.43 -5.23 12.77
CA GLN B 142 -27.17 -4.69 13.89
C GLN B 142 -27.10 -5.68 15.05
N GLY B 143 -26.95 -5.15 16.27
CA GLY B 143 -26.98 -5.96 17.49
C GLY B 143 -26.16 -7.24 17.35
N ARG B 144 -24.86 -7.08 17.08
CA ARG B 144 -23.94 -8.20 16.96
C ARG B 144 -23.76 -8.86 18.33
N TRP B 145 -23.84 -8.06 19.39
CA TRP B 145 -23.58 -8.54 20.74
C TRP B 145 -24.77 -9.31 21.32
N ARG B 146 -25.97 -9.10 20.75
CA ARG B 146 -27.16 -9.85 21.12
C ARG B 146 -27.17 -11.20 20.39
N GLN B 147 -26.79 -11.18 19.11
CA GLN B 147 -26.68 -12.39 18.31
C GLN B 147 -25.65 -13.34 18.93
N PHE B 148 -24.51 -12.78 19.35
CA PHE B 148 -23.46 -13.51 20.04
C PHE B 148 -24.02 -14.16 21.31
N ALA B 149 -24.71 -13.36 22.12
CA ALA B 149 -25.26 -13.82 23.40
C ALA B 149 -26.18 -15.02 23.18
N ALA B 150 -27.03 -14.97 22.15
CA ALA B 150 -27.92 -16.08 21.82
C ALA B 150 -27.11 -17.33 21.47
N ASP B 151 -26.02 -17.15 20.73
CA ASP B 151 -25.16 -18.26 20.30
C ASP B 151 -24.49 -18.90 21.52
N VAL B 152 -24.05 -18.07 22.47
CA VAL B 152 -23.34 -18.55 23.65
C VAL B 152 -24.26 -19.41 24.50
N ARG B 153 -25.52 -18.97 24.65
CA ARG B 153 -26.49 -19.69 25.47
C ARG B 153 -26.84 -21.02 24.83
N ALA B 154 -27.02 -21.02 23.50
CA ALA B 154 -27.43 -22.21 22.77
C ALA B 154 -26.31 -23.25 22.73
N GLU B 155 -25.05 -22.80 22.62
CA GLU B 155 -23.95 -23.69 22.26
C GLU B 155 -23.02 -23.97 23.44
N LEU B 156 -22.85 -23.00 24.35
CA LEU B 156 -21.81 -23.12 25.38
C LEU B 156 -22.40 -23.50 26.74
N PHE B 157 -23.57 -22.95 27.09
CA PHE B 157 -24.18 -23.17 28.38
C PHE B 157 -24.25 -24.68 28.70
N PRO B 158 -24.72 -25.54 27.78
CA PRO B 158 -24.72 -26.99 28.02
C PRO B 158 -23.37 -27.60 28.43
N LEU B 159 -22.27 -26.94 28.03
CA LEU B 159 -20.93 -27.41 28.36
C LEU B 159 -20.46 -26.83 29.70
N MET B 160 -21.25 -25.93 30.30
CA MET B 160 -20.79 -25.11 31.39
C MET B 160 -21.41 -25.58 32.70
N SER B 161 -20.73 -25.29 33.81
CA SER B 161 -21.27 -25.54 35.15
C SER B 161 -22.38 -24.54 35.44
N ASP B 162 -23.04 -24.69 36.60
CA ASP B 162 -24.11 -23.79 37.00
C ASP B 162 -23.51 -22.42 37.30
N GLY B 163 -22.45 -22.40 38.12
CA GLY B 163 -21.69 -21.19 38.39
C GLY B 163 -21.23 -20.52 37.09
N GLY B 164 -20.52 -21.28 36.24
CA GLY B 164 -20.08 -20.80 34.95
C GLY B 164 -21.19 -20.08 34.20
N CYS B 165 -22.40 -20.66 34.18
CA CYS B 165 -23.55 -20.11 33.49
C CYS B 165 -24.04 -18.82 34.14
N ARG B 166 -23.88 -18.69 35.46
CA ARG B 166 -24.24 -17.47 36.18
C ARG B 166 -23.32 -16.33 35.72
N GLN B 167 -22.01 -16.58 35.72
CA GLN B 167 -21.01 -15.60 35.34
C GLN B 167 -21.24 -15.15 33.91
N ALA B 168 -21.38 -16.13 33.01
CA ALA B 168 -21.53 -15.84 31.59
C ALA B 168 -22.80 -15.03 31.34
N GLU B 169 -23.86 -15.34 32.09
CA GLU B 169 -25.15 -14.68 31.90
C GLU B 169 -25.04 -13.21 32.31
N ARG B 170 -24.21 -12.93 33.32
CA ARG B 170 -23.92 -11.57 33.73
C ARG B 170 -23.16 -10.83 32.62
N GLU B 171 -22.08 -11.46 32.15
CA GLU B 171 -21.21 -10.89 31.14
C GLU B 171 -22.02 -10.56 29.88
N LEU B 172 -22.97 -11.44 29.52
CA LEU B 172 -23.79 -11.28 28.33
C LEU B 172 -24.83 -10.18 28.55
N ALA B 173 -25.32 -10.05 29.79
CA ALA B 173 -26.23 -8.97 30.16
C ALA B 173 -25.53 -7.63 29.97
N ALA B 174 -24.29 -7.53 30.46
CA ALA B 174 -23.48 -6.33 30.30
C ALA B 174 -23.36 -5.94 28.83
N LEU B 175 -23.24 -6.93 27.93
CA LEU B 175 -23.12 -6.68 26.50
C LEU B 175 -24.36 -5.94 25.98
N ASP B 176 -25.56 -6.39 26.38
CA ASP B 176 -26.80 -5.78 25.92
C ASP B 176 -26.88 -4.31 26.32
N SER B 177 -26.28 -3.97 27.47
CA SER B 177 -26.25 -2.60 27.97
C SER B 177 -25.50 -1.66 27.03
N LEU B 178 -24.56 -2.20 26.25
CA LEU B 178 -23.73 -1.39 25.37
C LEU B 178 -24.59 -0.63 24.37
N PRO B 179 -24.26 0.64 24.02
CA PRO B 179 -24.84 1.29 22.86
C PRO B 179 -24.31 0.66 21.58
N ASP B 180 -25.16 0.58 20.56
CA ASP B 180 -24.84 -0.11 19.32
C ASP B 180 -24.13 0.88 18.39
N ILE B 181 -22.82 1.05 18.60
CA ILE B 181 -22.02 2.11 18.00
C ILE B 181 -21.54 1.67 16.61
N THR B 182 -21.59 2.62 15.66
CA THR B 182 -21.11 2.38 14.30
C THR B 182 -20.32 3.59 13.83
N GLU B 183 -19.31 3.97 14.62
CA GLU B 183 -18.52 5.16 14.39
C GLU B 183 -17.32 4.89 13.47
N ALA B 184 -16.62 3.78 13.74
CA ALA B 184 -15.28 3.56 13.20
C ALA B 184 -15.26 2.33 12.30
N VAL B 185 -14.26 2.28 11.43
CA VAL B 185 -13.85 1.01 10.86
C VAL B 185 -13.21 0.21 11.99
N VAL B 186 -13.71 -1.00 12.20
CA VAL B 186 -13.21 -1.90 13.24
C VAL B 186 -12.63 -3.12 12.53
N HIS B 187 -11.34 -3.37 12.79
CA HIS B 187 -10.59 -4.48 12.23
C HIS B 187 -11.24 -5.79 12.66
N GLY B 188 -11.49 -5.90 13.98
CA GLY B 188 -12.34 -6.94 14.52
C GLY B 188 -11.53 -8.15 15.02
N ASN B 189 -10.23 -8.16 14.78
CA ASN B 189 -9.38 -9.29 15.12
C ASN B 189 -7.94 -8.79 15.25
N LEU B 190 -7.76 -7.67 15.97
CA LEU B 190 -6.50 -6.93 16.00
C LEU B 190 -5.62 -7.43 17.14
N GLY B 191 -5.42 -8.75 17.20
CA GLY B 191 -4.42 -9.35 18.08
C GLY B 191 -3.01 -9.07 17.58
N ALA B 192 -2.02 -9.40 18.42
CA ALA B 192 -0.62 -9.10 18.19
C ALA B 192 -0.13 -9.69 16.87
N GLU B 193 -0.66 -10.85 16.47
CA GLU B 193 -0.13 -11.56 15.31
C GLU B 193 -0.54 -10.86 14.01
N ASN B 194 -1.56 -9.98 14.05
CA ASN B 194 -2.04 -9.33 12.84
C ASN B 194 -1.44 -7.94 12.66
N VAL B 195 -0.51 -7.56 13.55
CA VAL B 195 0.14 -6.25 13.48
C VAL B 195 1.64 -6.50 13.34
N LEU B 196 2.20 -6.06 12.20
CA LEU B 196 3.55 -6.43 11.80
C LEU B 196 4.48 -5.23 11.90
N TRP B 197 5.73 -5.47 12.31
CA TRP B 197 6.66 -4.43 12.68
C TRP B 197 8.00 -4.59 11.96
N VAL B 198 8.61 -3.46 11.58
CA VAL B 198 10.00 -3.40 11.16
C VAL B 198 10.86 -3.18 12.40
N ARG B 199 11.77 -4.12 12.68
CA ARG B 199 12.64 -4.06 13.84
C ARG B 199 14.10 -4.02 13.39
N ASP B 200 15.00 -3.78 14.36
CA ASP B 200 16.43 -3.68 14.12
C ASP B 200 16.73 -2.63 13.05
N ASP B 201 15.99 -1.52 13.09
CA ASP B 201 16.38 -0.32 12.37
C ASP B 201 15.92 0.88 13.20
N GLY B 202 16.61 1.10 14.31
CA GLY B 202 16.10 1.95 15.37
C GLY B 202 14.95 1.26 16.11
N LEU B 203 14.04 2.06 16.66
CA LEU B 203 12.91 1.54 17.41
C LEU B 203 11.92 0.91 16.44
N PRO B 204 11.06 -0.03 16.91
CA PRO B 204 10.02 -0.62 16.06
C PRO B 204 9.18 0.40 15.30
N ARG B 205 9.02 0.16 13.99
CA ARG B 205 8.09 0.90 13.15
C ARG B 205 7.00 -0.03 12.68
N LEU B 206 5.74 0.44 12.77
CA LEU B 206 4.59 -0.31 12.32
C LEU B 206 4.65 -0.48 10.81
N SER B 207 4.77 -1.73 10.36
CA SER B 207 4.83 -2.04 8.94
C SER B 207 3.43 -1.96 8.35
N GLY B 208 2.54 -2.81 8.88
CA GLY B 208 1.18 -2.88 8.39
C GLY B 208 0.35 -3.88 9.18
N VAL B 209 -0.90 -4.06 8.74
CA VAL B 209 -1.86 -4.86 9.45
C VAL B 209 -2.48 -5.84 8.45
N ILE B 210 -2.67 -7.10 8.88
CA ILE B 210 -3.18 -8.16 8.04
C ILE B 210 -4.46 -8.72 8.65
N ASP B 211 -5.10 -9.65 7.89
CA ASP B 211 -6.26 -10.43 8.29
C ASP B 211 -7.46 -9.53 8.59
N TRP B 212 -8.15 -9.11 7.52
CA TRP B 212 -9.21 -8.12 7.62
C TRP B 212 -10.59 -8.75 7.42
N ASP B 213 -10.69 -10.08 7.52
CA ASP B 213 -11.94 -10.78 7.25
C ASP B 213 -13.06 -10.40 8.22
N GLU B 214 -12.72 -9.95 9.44
CA GLU B 214 -13.74 -9.57 10.41
C GLU B 214 -13.98 -8.05 10.40
N VAL B 215 -13.52 -7.35 9.36
CA VAL B 215 -13.61 -5.90 9.31
C VAL B 215 -15.08 -5.50 9.24
N SER B 216 -15.42 -4.37 9.89
CA SER B 216 -16.77 -3.85 9.86
C SER B 216 -16.78 -2.37 10.29
N ILE B 217 -17.94 -1.73 10.08
CA ILE B 217 -18.27 -0.50 10.77
C ILE B 217 -18.83 -0.89 12.14
N GLY B 218 -18.18 -0.45 13.22
CA GLY B 218 -18.65 -0.77 14.55
C GLY B 218 -18.03 0.14 15.62
N ASP B 219 -17.81 -0.46 16.80
CA ASP B 219 -17.32 0.21 17.98
C ASP B 219 -15.80 0.03 18.08
N PRO B 220 -14.99 1.10 18.11
CA PRO B 220 -13.53 0.96 18.23
C PRO B 220 -13.05 0.36 19.55
N ALA B 221 -13.91 0.39 20.58
CA ALA B 221 -13.63 -0.28 21.84
C ALA B 221 -13.24 -1.74 21.61
N GLU B 222 -13.77 -2.33 20.53
CA GLU B 222 -13.48 -3.70 20.14
C GLU B 222 -12.01 -3.89 19.78
N ASP B 223 -11.43 -2.94 19.02
CA ASP B 223 -10.03 -3.03 18.63
C ASP B 223 -9.14 -2.77 19.83
N LEU B 224 -9.53 -1.79 20.66
CA LEU B 224 -8.78 -1.42 21.85
C LEU B 224 -8.79 -2.57 22.85
N ALA B 225 -9.93 -3.27 22.96
CA ALA B 225 -10.01 -4.45 23.81
C ALA B 225 -8.98 -5.48 23.36
N ALA B 226 -8.90 -5.74 22.04
CA ALA B 226 -7.96 -6.70 21.49
C ALA B 226 -6.52 -6.33 21.85
N ILE B 227 -6.19 -5.03 21.82
CA ILE B 227 -4.84 -4.58 22.12
C ILE B 227 -4.51 -4.89 23.58
N GLY B 228 -5.47 -4.64 24.48
CA GLY B 228 -5.28 -4.94 25.89
C GLY B 228 -5.11 -6.44 26.17
N ALA B 229 -5.89 -7.27 25.48
CA ALA B 229 -5.77 -8.71 25.58
C ALA B 229 -4.35 -9.16 25.25
N GLY B 230 -3.78 -8.62 24.17
CA GLY B 230 -2.49 -9.06 23.69
C GLY B 230 -1.31 -8.50 24.49
N TYR B 231 -1.47 -7.29 25.06
CA TYR B 231 -0.31 -6.60 25.61
C TYR B 231 -0.55 -6.08 27.03
N GLY B 232 -1.75 -6.26 27.58
CA GLY B 232 -2.01 -5.94 28.98
C GLY B 232 -2.48 -4.51 29.19
N LYS B 233 -2.92 -4.23 30.42
CA LYS B 233 -3.69 -3.03 30.74
C LYS B 233 -2.80 -1.79 30.82
N ASP B 234 -1.53 -1.94 31.22
CA ASP B 234 -0.61 -0.82 31.28
C ASP B 234 -0.39 -0.25 29.87
N PHE B 235 -0.15 -1.13 28.90
CA PHE B 235 0.10 -0.69 27.54
C PHE B 235 -1.17 -0.11 26.92
N LEU B 236 -2.33 -0.74 27.17
CA LEU B 236 -3.58 -0.23 26.67
C LEU B 236 -3.85 1.16 27.26
N ASP B 237 -3.52 1.32 28.55
CA ASP B 237 -3.69 2.60 29.23
C ASP B 237 -2.85 3.68 28.54
N GLN B 238 -1.65 3.30 28.11
CA GLN B 238 -0.76 4.22 27.43
C GLN B 238 -1.37 4.66 26.10
N VAL B 239 -1.98 3.72 25.37
CA VAL B 239 -2.63 4.03 24.11
C VAL B 239 -3.82 4.94 24.35
N LEU B 240 -4.65 4.63 25.36
CA LEU B 240 -5.87 5.38 25.60
C LEU B 240 -5.55 6.83 26.01
N THR B 241 -4.44 7.02 26.73
CA THR B 241 -4.05 8.32 27.21
C THR B 241 -3.45 9.13 26.07
N LEU B 242 -2.55 8.53 25.29
CA LEU B 242 -1.95 9.19 24.14
C LEU B 242 -3.03 9.60 23.14
N GLY B 243 -4.07 8.77 22.99
CA GLY B 243 -5.09 8.95 21.97
C GLY B 243 -6.30 9.76 22.45
N GLY B 244 -6.33 10.07 23.74
CA GLY B 244 -7.44 10.83 24.31
C GLY B 244 -8.72 10.00 24.39
N TRP B 245 -8.57 8.72 24.75
CA TRP B 245 -9.69 7.82 24.83
C TRP B 245 -9.80 7.24 26.25
N SER B 246 -9.35 7.98 27.27
CA SER B 246 -9.25 7.46 28.62
C SER B 246 -10.48 7.82 29.47
N ASP B 247 -11.62 8.09 28.83
CA ASP B 247 -12.85 8.46 29.52
C ASP B 247 -13.52 7.21 30.10
N ARG B 248 -14.42 7.41 31.08
CA ARG B 248 -15.10 6.33 31.80
C ARG B 248 -15.96 5.50 30.84
N ARG B 249 -16.66 6.19 29.93
CA ARG B 249 -17.58 5.59 28.98
C ARG B 249 -16.84 4.57 28.10
N MET B 250 -15.67 4.95 27.57
CA MET B 250 -14.87 4.05 26.76
C MET B 250 -14.35 2.90 27.62
N ALA B 251 -13.92 3.20 28.85
CA ALA B 251 -13.36 2.21 29.76
C ALA B 251 -14.34 1.07 30.01
N THR B 252 -15.61 1.43 30.23
CA THR B 252 -16.68 0.48 30.51
C THR B 252 -16.94 -0.42 29.30
N ARG B 253 -17.00 0.19 28.11
CA ARG B 253 -17.26 -0.56 26.89
C ARG B 253 -16.13 -1.56 26.64
N ILE B 254 -14.88 -1.14 26.86
CA ILE B 254 -13.71 -1.99 26.65
C ILE B 254 -13.78 -3.19 27.60
N ALA B 255 -14.04 -2.95 28.88
CA ALA B 255 -14.11 -4.02 29.87
C ALA B 255 -15.21 -5.01 29.50
N THR B 256 -16.39 -4.50 29.13
CA THR B 256 -17.53 -5.33 28.76
C THR B 256 -17.19 -6.24 27.59
N ILE B 257 -16.52 -5.69 26.56
CA ILE B 257 -16.14 -6.47 25.39
C ILE B 257 -15.02 -7.44 25.77
N ARG B 258 -14.04 -6.96 26.54
CA ARG B 258 -12.90 -7.74 26.97
C ARG B 258 -13.37 -9.01 27.68
N ALA B 259 -14.43 -8.89 28.51
CA ALA B 259 -14.87 -9.98 29.38
C ALA B 259 -15.51 -11.11 28.58
N THR B 260 -15.68 -10.91 27.27
CA THR B 260 -16.33 -11.88 26.40
C THR B 260 -15.32 -12.60 25.50
N PHE B 261 -14.01 -12.34 25.68
CA PHE B 261 -12.99 -12.88 24.80
C PHE B 261 -12.88 -14.40 24.97
N ALA B 262 -12.84 -14.87 26.22
CA ALA B 262 -12.84 -16.30 26.51
C ALA B 262 -14.07 -16.98 25.88
N LEU B 263 -15.25 -16.38 26.03
CA LEU B 263 -16.49 -16.89 25.45
C LEU B 263 -16.42 -16.92 23.93
N GLN B 264 -15.85 -15.86 23.32
CA GLN B 264 -15.70 -15.79 21.88
C GLN B 264 -14.80 -16.93 21.39
N GLN B 265 -13.73 -17.21 22.14
CA GLN B 265 -12.80 -18.28 21.82
C GLN B 265 -13.50 -19.64 21.91
N ALA B 266 -14.18 -19.87 23.04
CA ALA B 266 -14.88 -21.13 23.27
C ALA B 266 -15.90 -21.39 22.16
N LEU B 267 -16.60 -20.32 21.74
CA LEU B 267 -17.66 -20.43 20.75
C LEU B 267 -17.09 -20.87 19.40
N SER B 268 -15.99 -20.23 18.98
CA SER B 268 -15.35 -20.54 17.72
C SER B 268 -14.71 -21.92 17.76
N ALA B 269 -14.11 -22.27 18.91
CA ALA B 269 -13.50 -23.58 19.12
C ALA B 269 -14.56 -24.68 19.14
N CYS B 270 -15.77 -24.34 19.62
CA CYS B 270 -16.87 -25.28 19.70
C CYS B 270 -17.38 -25.63 18.30
N ARG B 271 -17.26 -24.69 17.37
CA ARG B 271 -17.81 -24.84 16.02
C ARG B 271 -16.85 -25.62 15.13
N ASP B 272 -15.54 -25.33 15.22
CA ASP B 272 -14.55 -26.00 14.40
C ASP B 272 -13.94 -27.20 15.14
N GLY B 273 -14.45 -27.52 16.34
CA GLY B 273 -14.09 -28.74 17.03
C GLY B 273 -12.65 -28.74 17.55
N ASP B 274 -12.09 -27.54 17.78
CA ASP B 274 -10.74 -27.38 18.29
C ASP B 274 -10.78 -27.52 19.82
N GLU B 275 -10.53 -28.75 20.31
CA GLU B 275 -10.82 -29.12 21.69
C GLU B 275 -9.99 -28.31 22.69
N GLU B 276 -8.75 -27.99 22.33
CA GLU B 276 -7.83 -27.36 23.26
C GLU B 276 -8.16 -25.88 23.44
N GLU B 277 -8.70 -25.24 22.40
CA GLU B 277 -9.12 -23.85 22.49
C GLU B 277 -10.51 -23.76 23.13
N LEU B 278 -11.30 -24.83 23.01
CA LEU B 278 -12.59 -24.90 23.69
C LEU B 278 -12.35 -25.03 25.19
N ALA B 279 -11.38 -25.87 25.56
CA ALA B 279 -11.02 -26.07 26.95
C ALA B 279 -10.50 -24.76 27.54
N ASP B 280 -9.53 -24.16 26.85
CA ASP B 280 -8.92 -22.91 27.31
C ASP B 280 -10.01 -21.85 27.45
N GLY B 281 -10.86 -21.71 26.42
CA GLY B 281 -11.95 -20.75 26.41
C GLY B 281 -12.91 -20.92 27.60
N LEU B 282 -13.19 -22.18 27.97
CA LEU B 282 -14.19 -22.48 28.98
C LEU B 282 -13.56 -22.59 30.38
N THR B 283 -12.26 -22.29 30.52
CA THR B 283 -11.55 -22.51 31.76
C THR B 283 -12.35 -21.99 32.96
N GLY B 284 -12.84 -20.76 32.88
CA GLY B 284 -13.50 -20.15 34.02
C GLY B 284 -14.90 -20.73 34.28
N TYR B 285 -15.47 -21.40 33.28
CA TYR B 285 -16.91 -21.55 33.17
C TYR B 285 -17.36 -22.99 33.44
N ARG B 286 -16.45 -23.88 33.87
CA ARG B 286 -16.79 -25.25 34.15
C ARG B 286 -15.74 -25.87 35.06
C1 PEG C . 11.89 7.18 -4.12
O1 PEG C . 11.96 5.89 -3.55
C2 PEG C . 10.58 7.87 -3.84
O2 PEG C . 9.52 7.21 -4.53
C3 PEG C . 8.23 7.69 -4.17
C4 PEG C . 7.88 8.95 -4.95
O4 PEG C . 6.56 8.94 -5.45
C1 PEG D . 6.44 9.89 13.75
O1 PEG D . 6.95 8.64 13.34
C2 PEG D . 5.18 9.76 14.54
O2 PEG D . 4.99 8.41 14.93
C3 PEG D . 3.61 8.09 15.16
C4 PEG D . 2.89 7.93 13.86
O4 PEG D . 2.09 6.76 13.82
PG ATP E . -9.99 -15.23 8.89
O1G ATP E . -9.80 -16.49 9.69
O2G ATP E . -9.98 -13.99 9.74
O3G ATP E . -11.19 -15.30 7.96
PB ATP E . -8.21 -15.95 6.64
O1B ATP E . -8.78 -17.32 6.73
O2B ATP E . -8.48 -15.12 5.42
O3B ATP E . -8.69 -15.12 7.93
PA ATP E . -5.60 -14.85 7.40
O1A ATP E . -5.53 -14.85 8.89
O2A ATP E . -5.92 -13.57 6.69
O3A ATP E . -6.63 -15.99 6.91
O5' ATP E . -4.26 -15.45 6.79
C5' ATP E . -3.63 -16.60 7.41
C4' ATP E . -2.17 -16.27 7.63
O4' ATP E . -1.58 -15.92 6.36
C3' ATP E . -1.90 -15.05 8.52
O3' ATP E . -1.93 -15.38 9.90
C2' ATP E . -0.50 -14.65 8.02
O2' ATP E . 0.52 -15.46 8.57
C1' ATP E . -0.63 -14.90 6.53
N9 ATP E . -1.06 -13.75 5.72
C8 ATP E . -2.29 -13.50 5.16
N7 ATP E . -2.32 -12.39 4.46
C5 ATP E . -1.03 -11.89 4.56
C6 ATP E . -0.41 -10.73 4.03
N6 ATP E . -1.05 -9.85 3.27
N1 ATP E . 0.89 -10.53 4.34
C2 ATP E . 1.52 -11.43 5.12
N3 ATP E . 1.04 -12.55 5.66
C4 ATP E . -0.25 -12.72 5.34
C ACT F . 0.77 -28.61 1.51
O ACT F . 1.13 -28.58 0.32
OXT ACT F . -0.07 -29.44 1.97
CH3 ACT F . 1.36 -27.58 2.48
C1 PEG G . -6.87 5.18 30.76
O1 PEG G . -5.54 4.73 30.63
C2 PEG G . -7.71 4.25 31.59
O2 PEG G . -8.64 3.55 30.77
C3 PEG G . -9.83 4.29 30.50
C4 PEG G . -10.29 4.02 29.10
O4 PEG G . -11.40 4.80 28.71
#